data_2ZM5
#
_entry.id   2ZM5
#
_cell.length_a   88.200
_cell.length_b   89.400
_cell.length_c   150.800
_cell.angle_alpha   90.00
_cell.angle_beta   90.00
_cell.angle_gamma   90.00
#
_symmetry.space_group_name_H-M   'P 21 21 21'
#
loop_
_entity.id
_entity.type
_entity.pdbx_description
1 polymer 'tRNA delta(2)-isopentenylpyrophosphate transferase'
2 polymer tRNA(Phe)
3 non-polymer 'MAGNESIUM ION'
4 water water
#
loop_
_entity_poly.entity_id
_entity_poly.type
_entity_poly.pdbx_seq_one_letter_code
_entity_poly.pdbx_strand_id
1 'polypeptide(L)'
;(MSE)SDISKASLPKAIFL(MSE)GPTASGKTALAIELRKILPVELISVDSALIYKG(MSE)DIGTAKPNAEELLAAPHR
LLDIRDPSQAYSAADFRRDALAE(MSE)ADITAAGRIPLLVGGT(MSE)LYFKALLEGLSPLPSADPEVRARIEQQAAEQ
GWESLHRQLQEVDPVAAARIHPNDPQRLSRALEVFFISGKTLTELTQTSGDALPYQVHQFAIAPASRELLHQRIEQRFHQ
(MSE)LASGFEAEVRALFARGDLHTDLPSIRCVGYRQ(MSE)WSYLEGEISYDE(MSE)VYRGVCATRQLAKRQITWLRG
WEGVHWLDSEKPEQARDEVLQVVGAIAG
;
A,B
2 'polyribonucleotide' GCCCGGAUAGCUCAGUCGGUAGAGCAGGGGAUUGAAAAUCCCCGUGUCCUUGGUUCGAUUCCGAGUCCGGGCACCA C,D
#
# COMPACT_ATOMS: atom_id res chain seq x y z
N LEU A 9 48.40 18.17 6.55
CA LEU A 9 48.69 16.82 6.00
C LEU A 9 48.33 15.69 6.98
N PRO A 10 47.25 15.88 7.77
CA PRO A 10 46.86 14.82 8.70
C PRO A 10 46.43 13.63 7.84
N LYS A 11 46.26 12.49 8.48
CA LYS A 11 45.88 11.30 7.74
C LYS A 11 44.38 11.07 7.86
N ALA A 12 43.81 10.39 6.88
CA ALA A 12 42.38 10.08 6.89
C ALA A 12 42.18 8.90 5.98
N ILE A 13 41.13 8.14 6.20
CA ILE A 13 40.86 6.99 5.37
C ILE A 13 39.45 7.03 4.80
N PHE A 14 39.30 6.57 3.56
CA PHE A 14 38.00 6.50 2.89
C PHE A 14 37.73 5.01 2.66
N LEU A 15 36.61 4.51 3.16
CA LEU A 15 36.24 3.11 2.95
C LEU A 15 34.92 3.16 2.17
N GLY A 17 32.31 1.81 -0.97
CA GLY A 17 31.84 0.51 -1.42
C GLY A 17 30.35 0.56 -1.67
N PRO A 18 29.82 -0.33 -2.53
CA PRO A 18 28.39 -0.36 -2.82
C PRO A 18 27.58 -0.98 -1.68
N THR A 19 26.26 -0.99 -1.82
CA THR A 19 25.39 -1.60 -0.80
C THR A 19 25.69 -3.09 -0.70
N ALA A 20 25.57 -3.63 0.52
CA ALA A 20 25.79 -5.05 0.77
C ALA A 20 27.22 -5.51 0.49
N SER A 21 28.18 -4.62 0.65
CA SER A 21 29.57 -5.00 0.39
C SER A 21 30.37 -5.22 1.67
N GLY A 22 29.69 -5.28 2.81
CA GLY A 22 30.37 -5.52 4.07
C GLY A 22 31.24 -4.40 4.60
N LYS A 23 31.02 -3.20 4.09
CA LYS A 23 31.75 -1.99 4.50
C LYS A 23 31.77 -1.75 6.00
N THR A 24 30.59 -1.79 6.61
CA THR A 24 30.45 -1.55 8.02
C THR A 24 31.22 -2.57 8.85
N ALA A 25 31.01 -3.84 8.55
CA ALA A 25 31.70 -4.88 9.30
C ALA A 25 33.21 -4.64 9.31
N LEU A 26 33.74 -4.25 8.16
CA LEU A 26 35.16 -4.00 8.00
C LEU A 26 35.64 -2.80 8.82
N ALA A 27 34.86 -1.74 8.82
CA ALA A 27 35.23 -0.53 9.55
C ALA A 27 35.37 -0.74 11.06
N ILE A 28 34.44 -1.49 11.66
CA ILE A 28 34.52 -1.69 13.09
C ILE A 28 35.66 -2.66 13.42
N GLU A 29 35.92 -3.63 12.54
CA GLU A 29 37.00 -4.58 12.78
C GLU A 29 38.30 -3.80 12.73
N LEU A 30 38.31 -2.73 11.94
CA LEU A 30 39.49 -1.88 11.81
C LEU A 30 39.65 -1.07 13.09
N ARG A 31 38.52 -0.58 13.62
CA ARG A 31 38.54 0.19 14.86
C ARG A 31 39.32 -0.58 15.91
N LYS A 32 39.31 -1.90 15.80
CA LYS A 32 40.01 -2.76 16.74
C LYS A 32 41.54 -2.61 16.78
N ILE A 33 42.19 -2.46 15.63
CA ILE A 33 43.64 -2.30 15.63
C ILE A 33 44.14 -0.90 15.26
N LEU A 34 43.25 -0.02 14.80
CA LEU A 34 43.67 1.34 14.46
C LEU A 34 42.96 2.40 15.28
N PRO A 35 43.66 3.51 15.58
CA PRO A 35 43.13 4.63 16.36
C PRO A 35 42.23 5.49 15.48
N VAL A 36 41.18 4.87 14.95
CA VAL A 36 40.27 5.58 14.09
C VAL A 36 38.92 5.90 14.70
N GLU A 37 38.28 6.91 14.14
CA GLU A 37 36.94 7.33 14.53
C GLU A 37 36.11 7.24 13.23
N LEU A 38 34.95 6.63 13.33
CA LEU A 38 34.11 6.46 12.16
C LEU A 38 33.15 7.61 11.88
N ILE A 39 33.12 8.01 10.61
CA ILE A 39 32.22 9.06 10.14
C ILE A 39 31.43 8.40 9.02
N SER A 40 30.11 8.39 9.16
CA SER A 40 29.23 7.82 8.17
C SER A 40 29.05 8.77 6.99
N VAL A 41 29.24 8.25 5.78
CA VAL A 41 29.09 9.00 4.54
C VAL A 41 27.93 8.32 3.82
N ASP A 42 26.70 8.69 4.17
CA ASP A 42 25.53 8.06 3.59
C ASP A 42 24.32 9.00 3.66
N SER A 43 23.82 9.40 2.50
CA SER A 43 22.69 10.32 2.44
C SER A 43 21.40 9.83 3.12
N ALA A 44 21.30 8.55 3.46
CA ALA A 44 20.09 8.05 4.10
C ALA A 44 20.28 7.68 5.58
N LEU A 45 21.49 7.32 5.98
CA LEU A 45 21.75 6.96 7.36
C LEU A 45 21.67 8.20 8.27
N ILE A 46 21.49 9.36 7.67
CA ILE A 46 21.40 10.59 8.45
C ILE A 46 20.03 10.74 9.07
N TYR A 47 19.05 10.01 8.55
CA TYR A 47 17.69 10.11 9.04
C TYR A 47 17.33 9.28 10.27
N LYS A 48 16.65 9.94 11.21
CA LYS A 48 16.16 9.33 12.43
C LYS A 48 14.90 8.58 12.07
N GLY A 49 14.77 7.35 12.53
CA GLY A 49 13.57 6.59 12.21
C GLY A 49 13.73 5.67 11.00
N ASP A 51 15.96 3.11 10.01
CA ASP A 51 17.03 2.24 10.47
C ASP A 51 17.21 0.91 9.76
N ILE A 52 16.13 0.19 9.50
CA ILE A 52 16.32 -1.09 8.88
C ILE A 52 16.43 -1.12 7.36
N GLY A 53 15.70 -0.25 6.67
CA GLY A 53 15.81 -0.22 5.22
C GLY A 53 17.11 0.40 4.74
N THR A 54 17.78 1.14 5.63
CA THR A 54 19.02 1.81 5.30
C THR A 54 20.27 1.02 5.72
N ALA A 55 20.04 -0.16 6.26
CA ALA A 55 21.14 -1.02 6.70
C ALA A 55 21.99 -0.32 7.75
N LYS A 56 21.34 0.49 8.58
CA LYS A 56 22.04 1.20 9.64
C LYS A 56 22.65 0.22 10.67
N PRO A 57 23.85 0.52 11.16
CA PRO A 57 24.45 -0.39 12.14
C PRO A 57 23.56 -0.42 13.39
N ASN A 58 23.39 -1.59 14.02
CA ASN A 58 22.55 -1.68 15.22
C ASN A 58 23.25 -1.09 16.43
N ALA A 59 22.54 -1.00 17.54
CA ALA A 59 23.09 -0.40 18.76
C ALA A 59 24.35 -1.07 19.27
N GLU A 60 24.40 -2.40 19.21
CA GLU A 60 25.58 -3.09 19.68
C GLU A 60 26.82 -2.71 18.86
N GLU A 61 26.68 -2.70 17.53
CA GLU A 61 27.79 -2.34 16.66
C GLU A 61 28.21 -0.91 16.90
N LEU A 62 27.22 -0.03 17.05
CA LEU A 62 27.48 1.38 17.28
C LEU A 62 28.11 1.56 18.64
N LEU A 63 27.83 0.65 19.55
CA LEU A 63 28.39 0.67 20.90
C LEU A 63 29.88 0.41 20.78
N ALA A 64 30.22 -0.56 19.94
CA ALA A 64 31.62 -0.92 19.69
C ALA A 64 32.32 0.21 18.94
N ALA A 65 31.75 0.59 17.80
CA ALA A 65 32.32 1.63 16.98
C ALA A 65 31.33 2.76 16.71
N PRO A 66 31.41 3.85 17.48
CA PRO A 66 30.50 4.98 17.29
C PRO A 66 30.69 5.60 15.91
N HIS A 67 29.58 5.97 15.27
CA HIS A 67 29.58 6.60 13.95
C HIS A 67 29.15 8.06 14.08
N ARG A 68 29.81 8.96 13.37
CA ARG A 68 29.40 10.36 13.40
C ARG A 68 28.41 10.53 12.27
N LEU A 69 27.58 11.57 12.36
CA LEU A 69 26.60 11.90 11.32
C LEU A 69 25.51 10.85 11.08
N LEU A 70 25.08 10.19 12.14
CA LEU A 70 23.98 9.24 12.03
C LEU A 70 22.84 9.86 12.81
N ASP A 71 21.62 9.70 12.33
CA ASP A 71 20.47 10.24 13.04
C ASP A 71 20.64 11.72 13.36
N ILE A 72 21.00 12.53 12.36
CA ILE A 72 21.16 13.95 12.58
C ILE A 72 20.08 14.74 11.86
N ARG A 73 19.12 14.03 11.29
CA ARG A 73 18.05 14.68 10.58
C ARG A 73 16.72 13.95 10.57
N ASP A 74 15.66 14.74 10.58
CA ASP A 74 14.31 14.25 10.54
C ASP A 74 14.04 14.05 9.04
N PRO A 75 13.40 12.92 8.67
CA PRO A 75 13.14 12.69 7.24
C PRO A 75 12.45 13.82 6.47
N SER A 76 12.00 14.85 7.17
CA SER A 76 11.33 15.97 6.52
C SER A 76 12.32 17.03 6.03
N GLN A 77 13.54 17.01 6.54
CA GLN A 77 14.52 17.99 6.12
C GLN A 77 15.64 17.40 5.27
N ALA A 78 15.76 17.91 4.06
CA ALA A 78 16.76 17.43 3.12
C ALA A 78 18.16 17.80 3.55
N TYR A 79 19.12 17.01 3.11
CA TYR A 79 20.52 17.22 3.42
C TYR A 79 21.17 17.49 2.04
N SER A 80 22.47 17.75 2.01
CA SER A 80 23.15 18.00 0.74
C SER A 80 24.61 17.61 0.80
N ALA A 81 25.22 17.46 -0.38
CA ALA A 81 26.62 17.10 -0.44
C ALA A 81 27.40 18.18 0.27
N ALA A 82 26.90 19.42 0.21
CA ALA A 82 27.55 20.56 0.85
C ALA A 82 27.45 20.54 2.38
N ASP A 83 26.28 20.19 2.90
CA ASP A 83 26.14 20.13 4.35
C ASP A 83 27.00 19.00 4.88
N PHE A 84 27.03 17.90 4.13
CA PHE A 84 27.85 16.77 4.54
C PHE A 84 29.31 17.24 4.63
N ARG A 85 29.79 17.87 3.58
CA ARG A 85 31.18 18.33 3.57
C ARG A 85 31.47 19.19 4.81
N ARG A 86 30.59 20.15 5.08
CA ARG A 86 30.78 21.01 6.24
C ARG A 86 30.82 20.19 7.52
N ASP A 87 29.80 19.38 7.74
CA ASP A 87 29.76 18.56 8.93
C ASP A 87 30.93 17.60 9.02
N ALA A 88 31.33 17.04 7.88
CA ALA A 88 32.44 16.09 7.88
C ALA A 88 33.74 16.80 8.21
N LEU A 89 34.02 17.89 7.51
CA LEU A 89 35.24 18.66 7.74
C LEU A 89 35.40 18.96 9.23
N ALA A 90 34.31 19.44 9.83
CA ALA A 90 34.30 19.77 11.26
C ALA A 90 34.53 18.53 12.12
N GLU A 91 33.86 17.44 11.80
CA GLU A 91 34.03 16.20 12.55
C GLU A 91 35.47 15.70 12.45
N ALA A 93 38.14 17.51 12.00
CA ALA A 93 38.98 18.38 12.80
C ALA A 93 38.98 17.92 14.24
N ASP A 94 37.80 17.65 14.76
CA ASP A 94 37.63 17.19 16.13
C ASP A 94 38.37 15.89 16.37
N ILE A 95 38.17 14.94 15.47
CA ILE A 95 38.83 13.65 15.59
C ILE A 95 40.35 13.76 15.60
N THR A 96 40.92 14.37 14.56
CA THR A 96 42.36 14.50 14.50
C THR A 96 42.90 15.34 15.66
N ALA A 97 42.05 16.19 16.24
CA ALA A 97 42.48 17.02 17.36
C ALA A 97 42.64 16.13 18.58
N ALA A 98 41.99 14.97 18.54
CA ALA A 98 42.07 14.03 19.65
C ALA A 98 43.12 12.95 19.40
N GLY A 99 44.02 13.21 18.46
CA GLY A 99 45.08 12.25 18.16
C GLY A 99 44.67 10.95 17.48
N ARG A 100 43.46 10.91 16.92
CA ARG A 100 42.99 9.71 16.22
C ARG A 100 42.80 9.99 14.73
N ILE A 101 42.36 8.98 13.99
CA ILE A 101 42.21 9.11 12.54
C ILE A 101 40.80 8.92 11.98
N PRO A 102 40.31 9.91 11.20
CA PRO A 102 38.97 9.79 10.63
C PRO A 102 38.88 8.68 9.59
N LEU A 103 37.92 7.78 9.77
CA LEU A 103 37.70 6.72 8.82
C LEU A 103 36.28 6.95 8.30
N LEU A 104 36.18 7.58 7.13
CA LEU A 104 34.89 7.88 6.50
C LEU A 104 34.38 6.63 5.78
N VAL A 105 33.23 6.11 6.20
CA VAL A 105 32.63 4.92 5.61
C VAL A 105 31.28 5.20 4.95
N GLY A 106 31.05 4.62 3.78
CA GLY A 106 29.77 4.81 3.12
C GLY A 106 29.72 4.44 1.65
N GLY A 107 28.54 4.68 1.06
CA GLY A 107 28.32 4.39 -0.34
C GLY A 107 27.76 5.58 -1.09
N THR A 108 27.87 6.77 -0.50
CA THR A 108 27.38 7.98 -1.16
C THR A 108 28.59 8.70 -1.73
N LEU A 110 29.13 10.80 -4.26
CA LEU A 110 29.09 12.24 -4.52
C LEU A 110 29.59 13.00 -3.28
N TYR A 111 29.23 12.52 -2.10
CA TYR A 111 29.65 13.16 -0.85
C TYR A 111 31.16 13.03 -0.66
N PHE A 112 31.69 11.81 -0.87
CA PHE A 112 33.13 11.56 -0.75
C PHE A 112 33.85 12.54 -1.65
N LYS A 113 33.35 12.65 -2.88
CA LYS A 113 33.90 13.54 -3.88
C LYS A 113 33.85 15.01 -3.44
N ALA A 114 32.67 15.50 -3.07
CA ALA A 114 32.56 16.90 -2.62
C ALA A 114 33.54 17.16 -1.48
N LEU A 115 33.70 16.20 -0.57
CA LEU A 115 34.62 16.35 0.55
C LEU A 115 36.08 16.38 0.09
N LEU A 116 36.40 15.50 -0.84
CA LEU A 116 37.76 15.38 -1.37
C LEU A 116 38.21 16.56 -2.24
N GLU A 117 37.41 16.87 -3.26
CA GLU A 117 37.71 17.95 -4.20
C GLU A 117 37.09 19.29 -3.87
N GLY A 118 36.07 19.29 -3.03
CA GLY A 118 35.42 20.54 -2.68
C GLY A 118 34.29 20.82 -3.64
N LEU A 119 33.61 21.94 -3.41
CA LEU A 119 32.48 22.34 -4.23
C LEU A 119 32.62 23.83 -4.56
N SER A 120 32.36 24.22 -5.81
CA SER A 120 32.46 25.64 -6.11
C SER A 120 31.32 26.31 -5.38
N PRO A 121 31.59 27.44 -4.71
CA PRO A 121 30.56 28.15 -3.96
C PRO A 121 29.36 28.52 -4.83
N LEU A 122 28.18 28.06 -4.44
CA LEU A 122 26.95 28.33 -5.15
C LEU A 122 25.84 28.60 -4.15
N PRO A 123 24.76 29.28 -4.60
CA PRO A 123 23.66 29.56 -3.68
C PRO A 123 22.98 28.24 -3.31
N SER A 124 22.50 28.14 -2.07
CA SER A 124 21.79 26.94 -1.62
C SER A 124 20.43 26.91 -2.29
N ALA A 125 19.63 25.91 -1.97
CA ALA A 125 18.30 25.80 -2.58
C ALA A 125 17.33 26.87 -2.09
N ASP A 126 16.52 27.36 -3.01
CA ASP A 126 15.52 28.37 -2.70
C ASP A 126 14.15 27.81 -3.13
N PRO A 127 13.37 27.26 -2.20
CA PRO A 127 12.04 26.67 -2.42
C PRO A 127 11.18 27.53 -3.34
N GLU A 128 11.24 28.84 -3.12
CA GLU A 128 10.47 29.80 -3.92
C GLU A 128 10.81 29.82 -5.41
N VAL A 129 12.09 29.97 -5.76
CA VAL A 129 12.44 29.98 -7.18
C VAL A 129 12.28 28.60 -7.80
N ARG A 130 12.30 27.54 -6.98
CA ARG A 130 12.11 26.19 -7.51
C ARG A 130 10.62 25.96 -7.80
N ALA A 131 9.76 26.53 -6.96
CA ALA A 131 8.33 26.36 -7.16
C ALA A 131 7.95 27.07 -8.46
N ARG A 132 8.52 28.25 -8.69
CA ARG A 132 8.23 28.99 -9.90
C ARG A 132 8.73 28.19 -11.12
N ILE A 133 9.87 27.54 -11.00
CA ILE A 133 10.41 26.75 -12.08
C ILE A 133 9.51 25.53 -12.35
N GLU A 134 9.04 24.89 -11.28
CA GLU A 134 8.17 23.73 -11.43
C GLU A 134 6.88 24.16 -12.09
N GLN A 135 6.40 25.34 -11.71
CA GLN A 135 5.16 25.83 -12.26
C GLN A 135 5.31 26.09 -13.75
N GLN A 136 6.42 26.70 -14.15
CA GLN A 136 6.63 26.97 -15.57
C GLN A 136 6.87 25.69 -16.36
N ALA A 137 7.21 24.61 -15.69
CA ALA A 137 7.43 23.37 -16.40
C ALA A 137 6.08 22.71 -16.65
N ALA A 138 5.18 22.80 -15.68
CA ALA A 138 3.84 22.22 -15.82
C ALA A 138 3.04 22.92 -16.92
N GLU A 139 3.35 24.20 -17.14
CA GLU A 139 2.67 25.02 -18.15
C GLU A 139 3.24 24.93 -19.55
N GLN A 140 4.56 25.01 -19.63
CA GLN A 140 5.24 24.98 -20.91
C GLN A 140 6.20 23.81 -21.12
N GLY A 141 6.39 23.00 -20.08
CA GLY A 141 7.30 21.87 -20.19
C GLY A 141 8.74 22.22 -19.86
N TRP A 142 9.55 21.20 -19.59
CA TRP A 142 10.95 21.42 -19.26
C TRP A 142 11.70 21.88 -20.49
N GLU A 143 11.01 21.92 -21.61
CA GLU A 143 11.64 22.34 -22.86
C GLU A 143 11.84 23.85 -22.90
N SER A 144 10.80 24.57 -22.50
CA SER A 144 10.91 26.02 -22.49
C SER A 144 12.02 26.47 -21.53
N LEU A 145 12.19 25.72 -20.45
CA LEU A 145 13.22 26.06 -19.47
C LEU A 145 14.63 25.73 -19.99
N HIS A 146 14.77 24.64 -20.72
CA HIS A 146 16.07 24.27 -21.28
C HIS A 146 16.45 25.22 -22.39
N ARG A 147 15.44 25.72 -23.10
CA ARG A 147 15.70 26.66 -24.18
C ARG A 147 16.07 28.00 -23.58
N GLN A 148 15.67 28.23 -22.34
CA GLN A 148 15.98 29.48 -21.65
C GLN A 148 17.38 29.42 -21.05
N LEU A 149 17.79 28.24 -20.60
CA LEU A 149 19.12 28.08 -20.04
C LEU A 149 20.14 28.23 -21.16
N GLN A 150 19.71 27.84 -22.34
CA GLN A 150 20.50 27.84 -23.56
C GLN A 150 20.92 29.24 -23.97
N GLU A 151 20.09 30.21 -23.61
CA GLU A 151 20.33 31.60 -23.94
C GLU A 151 21.27 32.25 -22.94
N VAL A 152 21.00 32.04 -21.66
CA VAL A 152 21.83 32.66 -20.63
C VAL A 152 23.12 31.90 -20.38
N ASP A 153 23.07 30.57 -20.45
CA ASP A 153 24.23 29.75 -20.18
C ASP A 153 24.25 28.52 -21.10
N PRO A 154 24.94 28.62 -22.25
CA PRO A 154 24.98 27.48 -23.17
C PRO A 154 26.02 26.40 -22.94
N VAL A 155 26.98 26.65 -22.06
CA VAL A 155 27.99 25.63 -21.77
C VAL A 155 27.25 24.56 -20.97
N ALA A 156 26.43 25.04 -20.03
CA ALA A 156 25.63 24.18 -19.16
C ALA A 156 24.53 23.45 -19.93
N ALA A 157 23.84 24.18 -20.80
CA ALA A 157 22.77 23.60 -21.61
C ALA A 157 23.27 22.51 -22.56
N ALA A 158 24.56 22.50 -22.88
CA ALA A 158 25.11 21.48 -23.77
C ALA A 158 25.38 20.22 -22.94
N ARG A 159 25.70 20.44 -21.67
CA ARG A 159 25.99 19.33 -20.76
C ARG A 159 24.71 18.73 -20.22
N ILE A 160 23.85 19.58 -19.66
CA ILE A 160 22.60 19.13 -19.09
C ILE A 160 21.62 18.79 -20.19
N HIS A 161 21.06 17.58 -20.12
CA HIS A 161 20.11 17.13 -21.11
C HIS A 161 18.76 17.73 -20.78
N PRO A 162 17.96 18.10 -21.78
CA PRO A 162 16.64 18.68 -21.54
C PRO A 162 15.67 17.77 -20.78
N ASN A 163 16.07 16.53 -20.54
CA ASN A 163 15.23 15.59 -19.82
C ASN A 163 15.61 15.43 -18.35
N ASP A 164 16.68 16.11 -17.94
CA ASP A 164 17.16 16.07 -16.58
C ASP A 164 16.61 17.27 -15.81
N PRO A 165 15.40 17.12 -15.23
CA PRO A 165 14.77 18.22 -14.47
C PRO A 165 15.50 18.70 -13.22
N GLN A 166 16.24 17.82 -12.55
CA GLN A 166 16.96 18.20 -11.34
C GLN A 166 18.12 19.15 -11.64
N ARG A 167 18.92 18.81 -12.64
CA ARG A 167 20.05 19.64 -13.03
C ARG A 167 19.60 20.89 -13.76
N LEU A 168 18.62 20.74 -14.63
CA LEU A 168 18.07 21.88 -15.37
C LEU A 168 17.56 22.95 -14.37
N SER A 169 16.65 22.54 -13.50
CA SER A 169 16.12 23.45 -12.49
C SER A 169 17.26 24.09 -11.70
N ARG A 170 18.26 23.28 -11.36
CA ARG A 170 19.41 23.72 -10.60
C ARG A 170 20.25 24.80 -11.30
N ALA A 171 20.50 24.62 -12.59
CA ALA A 171 21.29 25.59 -13.35
C ALA A 171 20.52 26.90 -13.53
N LEU A 172 19.19 26.83 -13.64
CA LEU A 172 18.42 28.06 -13.78
C LEU A 172 18.35 28.77 -12.41
N GLU A 173 18.12 27.99 -11.36
CA GLU A 173 18.01 28.51 -10.01
C GLU A 173 19.21 29.39 -9.70
N VAL A 174 20.40 28.83 -9.88
CA VAL A 174 21.63 29.56 -9.61
C VAL A 174 21.64 30.90 -10.31
N PHE A 175 21.16 30.94 -11.56
CA PHE A 175 21.12 32.18 -12.32
C PHE A 175 20.05 33.15 -11.83
N PHE A 176 18.84 32.65 -11.58
CA PHE A 176 17.75 33.50 -11.12
C PHE A 176 17.98 34.10 -9.74
N ILE A 177 18.87 33.48 -8.96
CA ILE A 177 19.16 33.95 -7.61
C ILE A 177 20.34 34.91 -7.57
N SER A 178 21.39 34.56 -8.32
CA SER A 178 22.58 35.40 -8.33
C SER A 178 22.62 36.38 -9.49
N GLY A 179 22.13 35.96 -10.65
CA GLY A 179 22.16 36.82 -11.80
C GLY A 179 23.40 36.38 -12.54
N LYS A 180 24.24 35.66 -11.81
CA LYS A 180 25.49 35.11 -12.32
C LYS A 180 25.17 33.71 -12.84
N THR A 181 25.82 33.33 -13.93
CA THR A 181 25.61 32.03 -14.55
C THR A 181 26.30 30.82 -13.88
N LEU A 182 25.67 29.66 -13.95
CA LEU A 182 26.22 28.43 -13.36
C LEU A 182 27.62 28.08 -13.88
N THR A 183 27.88 28.27 -15.17
CA THR A 183 29.21 27.94 -15.65
C THR A 183 30.20 28.97 -15.16
N GLU A 184 29.72 30.17 -14.86
CA GLU A 184 30.62 31.21 -14.38
C GLU A 184 31.02 30.99 -12.94
N LEU A 185 30.06 30.67 -12.07
CA LEU A 185 30.39 30.45 -10.67
C LEU A 185 31.30 29.22 -10.52
N THR A 186 31.07 28.21 -11.35
CA THR A 186 31.87 26.99 -11.27
C THR A 186 33.31 27.14 -11.74
N GLN A 187 33.70 28.35 -12.13
CA GLN A 187 35.07 28.55 -12.56
C GLN A 187 35.93 28.70 -11.33
N THR A 188 35.30 29.11 -10.23
CA THR A 188 35.99 29.22 -8.95
C THR A 188 35.79 27.83 -8.36
N SER A 189 36.88 27.19 -7.95
CA SER A 189 36.81 25.85 -7.39
C SER A 189 36.59 25.89 -5.90
N GLY A 190 36.37 24.70 -5.32
CA GLY A 190 36.18 24.63 -3.89
C GLY A 190 37.49 24.28 -3.20
N ASP A 191 37.51 24.40 -1.89
CA ASP A 191 38.68 24.08 -1.08
C ASP A 191 38.86 22.56 -1.01
N ALA A 192 40.01 22.07 -1.48
CA ALA A 192 40.28 20.64 -1.45
C ALA A 192 40.44 20.16 -0.01
N LEU A 193 40.37 18.86 0.19
CA LEU A 193 40.49 18.25 1.50
C LEU A 193 41.95 18.33 1.95
N PRO A 194 42.24 19.16 2.96
CA PRO A 194 43.61 19.32 3.47
C PRO A 194 44.06 18.11 4.31
N TYR A 195 43.92 16.93 3.74
CA TYR A 195 44.32 15.70 4.42
C TYR A 195 45.06 14.82 3.44
N GLN A 196 45.70 13.80 4.00
CA GLN A 196 46.45 12.81 3.23
C GLN A 196 45.48 11.63 3.31
N VAL A 197 44.86 11.27 2.19
CA VAL A 197 43.88 10.19 2.24
C VAL A 197 44.23 8.89 1.54
N HIS A 198 43.87 7.79 2.20
CA HIS A 198 44.08 6.47 1.66
C HIS A 198 42.69 5.97 1.31
N GLN A 199 42.41 5.89 0.00
CA GLN A 199 41.10 5.47 -0.44
C GLN A 199 41.01 4.00 -0.80
N PHE A 200 40.03 3.32 -0.19
CA PHE A 200 39.79 1.93 -0.46
C PHE A 200 38.36 1.77 -0.94
N ALA A 201 38.12 0.70 -1.68
CA ALA A 201 36.79 0.41 -2.18
C ALA A 201 36.66 -1.09 -1.99
N ILE A 202 35.51 -1.54 -1.50
CA ILE A 202 35.31 -2.96 -1.30
C ILE A 202 34.03 -3.41 -1.97
N ALA A 203 34.10 -4.52 -2.68
CA ALA A 203 32.93 -5.04 -3.36
C ALA A 203 33.09 -6.54 -3.58
N PRO A 204 31.97 -7.25 -3.75
CA PRO A 204 32.08 -8.70 -3.97
C PRO A 204 32.71 -8.93 -5.34
N ALA A 205 33.39 -10.07 -5.47
CA ALA A 205 34.10 -10.40 -6.71
C ALA A 205 33.30 -10.49 -8.00
N SER A 206 32.00 -10.75 -7.92
CA SER A 206 31.17 -10.86 -9.12
C SER A 206 29.87 -10.10 -8.98
N ARG A 207 29.40 -9.52 -10.08
CA ARG A 207 28.14 -8.78 -10.09
C ARG A 207 27.00 -9.66 -9.58
N GLU A 208 27.02 -10.94 -9.92
CA GLU A 208 25.92 -11.78 -9.49
C GLU A 208 25.93 -12.19 -8.02
N LEU A 209 27.09 -12.20 -7.38
CA LEU A 209 27.08 -12.51 -5.96
C LEU A 209 26.52 -11.27 -5.25
N LEU A 210 26.73 -10.11 -5.86
CA LEU A 210 26.24 -8.87 -5.29
C LEU A 210 24.72 -8.91 -5.35
N HIS A 211 24.18 -9.35 -6.49
CA HIS A 211 22.74 -9.44 -6.65
C HIS A 211 22.10 -10.38 -5.64
N GLN A 212 22.76 -11.51 -5.36
CA GLN A 212 22.23 -12.46 -4.39
C GLN A 212 22.20 -11.83 -3.00
N ARG A 213 23.29 -11.17 -2.64
CA ARG A 213 23.35 -10.50 -1.34
C ARG A 213 22.28 -9.43 -1.24
N ILE A 214 22.07 -8.66 -2.31
CA ILE A 214 21.06 -7.61 -2.27
C ILE A 214 19.69 -8.18 -2.02
N GLU A 215 19.38 -9.26 -2.72
CA GLU A 215 18.08 -9.92 -2.61
C GLU A 215 17.83 -10.53 -1.23
N GLN A 216 18.80 -11.27 -0.72
CA GLN A 216 18.66 -11.91 0.58
C GLN A 216 18.56 -10.88 1.70
N ARG A 217 19.22 -9.75 1.51
CA ARG A 217 19.18 -8.69 2.50
C ARG A 217 17.82 -8.03 2.51
N PHE A 218 17.27 -7.77 1.33
CA PHE A 218 15.98 -7.11 1.27
C PHE A 218 14.99 -7.94 2.05
N HIS A 219 15.05 -9.26 1.87
CA HIS A 219 14.15 -10.18 2.57
C HIS A 219 14.41 -10.19 4.08
N GLN A 220 15.65 -10.01 4.49
CA GLN A 220 15.95 -9.98 5.91
C GLN A 220 15.33 -8.72 6.50
N LEU A 222 12.56 -7.09 5.38
CA LEU A 222 11.13 -7.29 5.51
C LEU A 222 10.84 -8.15 6.75
N ALA A 223 11.73 -9.10 7.01
CA ALA A 223 11.59 -10.01 8.14
C ALA A 223 11.94 -9.35 9.48
N SER A 224 12.60 -8.19 9.43
CA SER A 224 12.98 -7.48 10.65
C SER A 224 12.01 -6.37 10.99
N GLY A 225 10.94 -6.23 10.22
CA GLY A 225 9.97 -5.20 10.51
C GLY A 225 10.05 -3.94 9.67
N PHE A 226 10.64 -4.05 8.47
CA PHE A 226 10.76 -2.90 7.59
C PHE A 226 9.42 -2.23 7.30
N GLU A 227 8.41 -3.04 6.97
CA GLU A 227 7.09 -2.48 6.69
C GLU A 227 6.57 -1.63 7.83
N ALA A 228 6.71 -2.13 9.06
CA ALA A 228 6.23 -1.38 10.21
C ALA A 228 6.93 -0.03 10.28
N GLU A 229 8.23 -0.04 10.04
CA GLU A 229 9.04 1.17 10.08
C GLU A 229 8.55 2.20 9.07
N VAL A 230 8.28 1.76 7.86
CA VAL A 230 7.81 2.70 6.85
C VAL A 230 6.40 3.20 7.14
N ARG A 231 5.58 2.37 7.76
CA ARG A 231 4.20 2.76 8.08
C ARG A 231 4.20 3.89 9.11
N ALA A 232 5.09 3.78 10.10
CA ALA A 232 5.19 4.81 11.14
C ALA A 232 5.45 6.15 10.47
N LEU A 233 6.22 6.13 9.38
CA LEU A 233 6.54 7.34 8.63
C LEU A 233 5.35 7.77 7.77
N PHE A 234 4.63 6.80 7.24
CA PHE A 234 3.47 7.08 6.40
C PHE A 234 2.41 7.76 7.23
N ALA A 235 2.22 7.26 8.44
CA ALA A 235 1.24 7.78 9.38
C ALA A 235 1.51 9.20 9.91
N ARG A 236 2.73 9.71 9.73
CA ARG A 236 3.06 11.05 10.22
C ARG A 236 2.22 12.10 9.50
N GLY A 237 1.94 11.85 8.23
CA GLY A 237 1.15 12.78 7.43
C GLY A 237 1.90 13.97 6.85
N ASP A 238 3.16 14.19 7.25
CA ASP A 238 3.92 15.33 6.75
C ASP A 238 5.02 15.01 5.73
N LEU A 239 5.19 13.74 5.40
CA LEU A 239 6.21 13.36 4.44
C LEU A 239 5.62 13.15 3.06
N HIS A 240 6.45 13.27 2.03
CA HIS A 240 5.98 13.09 0.65
C HIS A 240 7.11 12.63 -0.26
N THR A 241 6.76 12.16 -1.45
CA THR A 241 7.74 11.63 -2.39
C THR A 241 8.73 12.59 -3.07
N ASP A 242 8.70 13.88 -2.75
CA ASP A 242 9.67 14.79 -3.36
C ASP A 242 10.76 15.05 -2.35
N LEU A 243 10.72 14.29 -1.26
CA LEU A 243 11.68 14.38 -0.17
C LEU A 243 12.74 13.30 -0.37
N PRO A 244 14.02 13.64 -0.17
CA PRO A 244 15.04 12.61 -0.35
C PRO A 244 14.79 11.34 0.48
N SER A 245 14.34 11.53 1.71
CA SER A 245 14.08 10.42 2.61
C SER A 245 13.07 9.42 2.06
N ILE A 246 12.01 9.91 1.45
CA ILE A 246 10.98 9.05 0.89
C ILE A 246 11.40 8.40 -0.45
N ARG A 247 12.41 8.98 -1.10
CA ARG A 247 12.87 8.43 -2.37
C ARG A 247 13.96 7.36 -2.21
N CYS A 248 14.38 7.10 -0.96
CA CYS A 248 15.40 6.10 -0.68
C CYS A 248 14.92 4.73 -1.12
N VAL A 249 15.85 3.90 -1.60
CA VAL A 249 15.54 2.56 -2.05
C VAL A 249 14.82 1.76 -0.96
N GLY A 250 13.78 1.04 -1.37
CA GLY A 250 13.01 0.26 -0.43
C GLY A 250 11.86 1.11 0.07
N TYR A 251 12.19 2.27 0.61
CA TYR A 251 11.20 3.21 1.14
C TYR A 251 10.23 3.69 0.08
N ARG A 252 10.75 4.05 -1.08
CA ARG A 252 9.91 4.55 -2.15
C ARG A 252 8.88 3.52 -2.58
N GLN A 253 9.34 2.27 -2.70
CA GLN A 253 8.46 1.18 -3.10
C GLN A 253 7.42 0.90 -2.02
N TRP A 255 6.31 2.83 0.08
CA TRP A 255 5.39 3.94 0.12
C TRP A 255 4.30 3.68 -0.92
N SER A 256 4.71 3.26 -2.11
CA SER A 256 3.77 2.95 -3.18
C SER A 256 2.83 1.83 -2.75
N TYR A 257 3.35 0.94 -1.94
CA TYR A 257 2.57 -0.19 -1.47
C TYR A 257 1.55 0.25 -0.43
N LEU A 258 1.96 1.11 0.49
CA LEU A 258 1.07 1.62 1.53
C LEU A 258 -0.03 2.49 0.92
N GLU A 259 0.31 3.18 -0.17
CA GLU A 259 -0.63 4.04 -0.86
C GLU A 259 -1.67 3.22 -1.64
N GLY A 260 -1.46 1.91 -1.67
CA GLY A 260 -2.35 1.04 -2.40
C GLY A 260 -2.14 1.06 -3.90
N GLU A 261 -0.99 1.57 -4.35
CA GLU A 261 -0.67 1.63 -5.78
C GLU A 261 -0.15 0.31 -6.33
N ILE A 262 0.53 -0.46 -5.49
CA ILE A 262 1.06 -1.75 -5.92
C ILE A 262 0.87 -2.81 -4.87
N SER A 263 1.00 -4.07 -5.29
CA SER A 263 0.83 -5.20 -4.39
C SER A 263 2.12 -5.46 -3.65
N TYR A 264 2.05 -6.33 -2.64
CA TYR A 264 3.19 -6.70 -1.82
C TYR A 264 4.29 -7.37 -2.64
N ASP A 265 3.89 -8.36 -3.44
CA ASP A 265 4.85 -9.07 -4.28
C ASP A 265 5.54 -8.15 -5.27
N GLU A 266 4.81 -7.13 -5.73
CA GLU A 266 5.34 -6.16 -6.68
C GLU A 266 6.34 -5.19 -6.00
N VAL A 268 8.23 -5.84 -3.46
CA VAL A 268 9.45 -6.61 -3.20
C VAL A 268 10.32 -6.70 -4.45
N TYR A 269 9.65 -6.86 -5.58
CA TYR A 269 10.33 -6.96 -6.84
C TYR A 269 11.03 -5.66 -7.17
N ARG A 270 10.29 -4.56 -7.07
CA ARG A 270 10.84 -3.25 -7.40
C ARG A 270 11.89 -2.74 -6.43
N GLY A 271 11.75 -3.10 -5.16
CA GLY A 271 12.72 -2.67 -4.16
C GLY A 271 14.06 -3.34 -4.46
N VAL A 272 14.03 -4.63 -4.72
CA VAL A 272 15.24 -5.38 -5.05
C VAL A 272 15.87 -4.82 -6.31
N CYS A 273 15.08 -4.61 -7.35
CA CYS A 273 15.63 -4.09 -8.60
C CYS A 273 16.22 -2.72 -8.38
N ALA A 274 15.51 -1.91 -7.61
CA ALA A 274 15.97 -0.56 -7.32
C ALA A 274 17.29 -0.60 -6.55
N THR A 275 17.43 -1.59 -5.68
CA THR A 275 18.66 -1.70 -4.92
C THR A 275 19.80 -2.16 -5.81
N ARG A 276 19.51 -2.99 -6.80
CA ARG A 276 20.55 -3.46 -7.71
C ARG A 276 20.99 -2.32 -8.64
N GLN A 277 20.03 -1.54 -9.11
CA GLN A 277 20.33 -0.41 -9.97
C GLN A 277 21.19 0.63 -9.20
N LEU A 278 20.97 0.71 -7.90
CA LEU A 278 21.73 1.63 -7.05
C LEU A 278 23.16 1.12 -6.97
N ALA A 279 23.32 -0.17 -6.66
CA ALA A 279 24.64 -0.78 -6.57
C ALA A 279 25.42 -0.58 -7.86
N LYS A 280 24.75 -0.82 -8.98
CA LYS A 280 25.37 -0.67 -10.29
C LYS A 280 25.99 0.72 -10.49
N ARG A 281 25.29 1.75 -10.03
CA ARG A 281 25.79 3.12 -10.16
C ARG A 281 26.95 3.41 -9.22
N GLN A 282 26.89 2.83 -8.02
CA GLN A 282 27.96 3.04 -7.07
C GLN A 282 29.24 2.48 -7.68
N ILE A 283 29.12 1.37 -8.39
CA ILE A 283 30.29 0.76 -9.01
C ILE A 283 30.76 1.64 -10.15
N THR A 284 29.83 2.29 -10.84
CA THR A 284 30.23 3.17 -11.93
C THR A 284 31.08 4.30 -11.35
N TRP A 285 30.69 4.81 -10.18
CA TRP A 285 31.47 5.86 -9.53
C TRP A 285 32.88 5.36 -9.19
N LEU A 286 32.97 4.24 -8.49
CA LEU A 286 34.23 3.64 -8.08
C LEU A 286 35.17 3.34 -9.25
N ARG A 287 34.61 2.95 -10.40
CA ARG A 287 35.42 2.67 -11.58
C ARG A 287 36.05 3.97 -12.01
N GLY A 288 37.38 3.97 -12.10
CA GLY A 288 38.07 5.19 -12.49
C GLY A 288 38.28 6.16 -11.35
N TRP A 289 37.67 5.91 -10.19
CA TRP A 289 37.89 6.79 -9.06
C TRP A 289 39.41 6.67 -8.92
N GLU A 290 40.09 7.81 -8.82
CA GLU A 290 41.55 7.82 -8.73
C GLU A 290 42.13 7.50 -7.36
N GLY A 291 43.18 6.67 -7.38
CA GLY A 291 43.88 6.27 -6.18
C GLY A 291 43.20 5.26 -5.30
N VAL A 292 42.23 4.55 -5.85
CA VAL A 292 41.48 3.55 -5.09
C VAL A 292 42.18 2.19 -4.99
N HIS A 293 42.10 1.58 -3.81
CA HIS A 293 42.65 0.27 -3.57
C HIS A 293 41.44 -0.64 -3.47
N TRP A 294 41.41 -1.70 -4.27
CA TRP A 294 40.30 -2.62 -4.24
C TRP A 294 40.46 -3.72 -3.21
N LEU A 295 39.36 -4.01 -2.52
CA LEU A 295 39.32 -5.03 -1.48
C LEU A 295 38.16 -5.95 -1.83
N ASP A 296 38.07 -7.10 -1.18
CA ASP A 296 37.00 -8.02 -1.47
C ASP A 296 36.06 -8.35 -0.31
N SER A 297 34.77 -8.09 -0.53
CA SER A 297 33.73 -8.32 0.47
C SER A 297 33.64 -9.78 0.88
N GLU A 298 33.58 -10.67 -0.12
CA GLU A 298 33.49 -12.09 0.16
C GLU A 298 34.57 -12.34 1.19
N LYS A 299 34.58 -13.53 1.78
CA LYS A 299 35.53 -13.87 2.83
C LYS A 299 36.86 -13.11 2.95
N PRO A 300 37.39 -12.53 1.85
CA PRO A 300 38.65 -11.83 2.10
C PRO A 300 38.44 -10.66 3.08
N GLU A 301 37.46 -10.84 3.98
CA GLU A 301 37.11 -9.88 5.01
C GLU A 301 38.38 -9.50 5.73
N GLN A 302 39.32 -10.43 5.74
CA GLN A 302 40.62 -10.20 6.35
C GLN A 302 41.37 -9.34 5.33
N ALA A 303 40.69 -8.27 4.91
CA ALA A 303 41.20 -7.29 3.94
C ALA A 303 41.71 -6.11 4.73
N ARG A 304 41.56 -6.22 6.06
CA ARG A 304 42.02 -5.19 6.97
C ARG A 304 43.52 -5.17 6.85
N ASP A 305 44.08 -6.28 6.38
CA ASP A 305 45.52 -6.38 6.22
C ASP A 305 46.01 -5.53 5.06
N GLU A 306 45.25 -5.47 3.98
CA GLU A 306 45.66 -4.65 2.86
C GLU A 306 45.56 -3.22 3.36
N VAL A 307 44.55 -2.94 4.16
CA VAL A 307 44.36 -1.60 4.71
C VAL A 307 45.58 -1.35 5.58
N LEU A 308 45.80 -2.25 6.53
CA LEU A 308 46.91 -2.19 7.48
C LEU A 308 48.23 -1.74 6.87
N GLN A 309 48.56 -2.31 5.72
CA GLN A 309 49.79 -2.00 5.01
C GLN A 309 49.77 -0.71 4.18
N VAL A 310 48.71 -0.51 3.40
CA VAL A 310 48.64 0.70 2.59
C VAL A 310 48.80 1.89 3.54
N VAL A 311 48.09 1.83 4.65
CA VAL A 311 48.14 2.89 5.65
C VAL A 311 49.37 2.72 6.55
N GLY A 312 49.87 1.49 6.63
CA GLY A 312 51.03 1.21 7.46
C GLY A 312 50.64 1.42 8.91
N ALA A 313 51.42 0.88 9.84
CA ALA A 313 51.11 1.07 11.25
C ALA A 313 51.00 2.58 11.48
N ILE A 314 50.18 2.99 12.45
CA ILE A 314 50.00 4.42 12.70
C ILE A 314 50.25 4.84 14.16
N ALA B 7 -43.07 -6.89 -24.18
CA ALA B 7 -43.45 -8.33 -24.14
C ALA B 7 -44.37 -8.62 -22.97
N SER B 8 -44.37 -9.86 -22.51
CA SER B 8 -45.22 -10.26 -21.38
C SER B 8 -45.05 -9.31 -20.19
N LEU B 9 -43.81 -9.04 -19.82
CA LEU B 9 -43.54 -8.17 -18.67
C LEU B 9 -42.30 -7.27 -18.77
N PRO B 10 -42.17 -6.27 -17.88
CA PRO B 10 -41.04 -5.34 -17.88
C PRO B 10 -39.68 -6.00 -17.83
N LYS B 11 -38.66 -5.20 -18.09
CA LYS B 11 -37.30 -5.70 -18.10
C LYS B 11 -36.47 -5.07 -17.00
N ALA B 12 -35.46 -5.80 -16.55
CA ALA B 12 -34.56 -5.32 -15.51
C ALA B 12 -33.24 -6.00 -15.75
N ILE B 13 -32.18 -5.45 -15.18
CA ILE B 13 -30.89 -6.09 -15.35
C ILE B 13 -30.17 -6.27 -14.02
N PHE B 14 -29.42 -7.36 -13.94
CA PHE B 14 -28.65 -7.73 -12.77
C PHE B 14 -27.18 -7.61 -13.17
N LEU B 15 -26.41 -6.85 -12.41
CA LEU B 15 -24.99 -6.74 -12.67
C LEU B 15 -24.33 -7.24 -11.39
N GLY B 17 -21.26 -9.50 -9.39
CA GLY B 17 -19.82 -9.63 -9.51
C GLY B 17 -19.18 -9.61 -8.13
N PRO B 18 -17.98 -10.19 -7.97
CA PRO B 18 -17.33 -10.19 -6.67
C PRO B 18 -16.73 -8.83 -6.33
N THR B 19 -16.17 -8.71 -5.13
CA THR B 19 -15.54 -7.48 -4.70
C THR B 19 -14.35 -7.14 -5.59
N ALA B 20 -14.14 -5.83 -5.85
CA ALA B 20 -13.03 -5.36 -6.69
C ALA B 20 -13.14 -5.82 -8.15
N SER B 21 -14.37 -5.98 -8.63
CA SER B 21 -14.61 -6.42 -9.99
C SER B 21 -15.00 -5.27 -10.93
N GLY B 22 -14.95 -4.05 -10.42
CA GLY B 22 -15.30 -2.90 -11.24
C GLY B 22 -16.77 -2.80 -11.62
N LYS B 23 -17.63 -3.48 -10.87
CA LYS B 23 -19.05 -3.43 -11.19
C LYS B 23 -19.70 -2.06 -11.10
N THR B 24 -19.31 -1.26 -10.10
CA THR B 24 -19.86 0.07 -9.96
C THR B 24 -19.47 0.95 -11.14
N ALA B 25 -18.19 0.91 -11.52
CA ALA B 25 -17.70 1.69 -12.65
C ALA B 25 -18.52 1.40 -13.90
N LEU B 26 -18.80 0.12 -14.12
CA LEU B 26 -19.57 -0.32 -15.29
C LEU B 26 -21.03 0.14 -15.25
N ALA B 27 -21.62 0.11 -14.07
CA ALA B 27 -23.02 0.50 -13.93
C ALA B 27 -23.28 1.96 -14.27
N ILE B 28 -22.41 2.85 -13.82
CA ILE B 28 -22.62 4.27 -14.12
C ILE B 28 -22.34 4.54 -15.58
N GLU B 29 -21.35 3.85 -16.15
CA GLU B 29 -21.03 4.07 -17.54
C GLU B 29 -22.21 3.61 -18.39
N LEU B 30 -22.96 2.65 -17.86
CA LEU B 30 -24.13 2.14 -18.56
C LEU B 30 -25.24 3.19 -18.44
N ARG B 31 -25.29 3.83 -17.28
CA ARG B 31 -26.26 4.88 -16.99
C ARG B 31 -26.22 5.90 -18.14
N LYS B 32 -25.03 6.04 -18.74
CA LYS B 32 -24.82 6.97 -19.84
C LYS B 32 -25.62 6.69 -21.11
N ILE B 33 -25.71 5.44 -21.54
CA ILE B 33 -26.46 5.16 -22.75
C ILE B 33 -27.81 4.43 -22.56
N LEU B 34 -28.10 3.99 -21.34
CA LEU B 34 -29.37 3.32 -21.07
C LEU B 34 -30.22 4.06 -20.06
N PRO B 35 -31.55 3.99 -20.23
CA PRO B 35 -32.48 4.66 -19.32
C PRO B 35 -32.67 3.80 -18.08
N VAL B 36 -31.56 3.56 -17.36
CA VAL B 36 -31.59 2.74 -16.16
C VAL B 36 -31.48 3.53 -14.87
N GLU B 37 -31.97 2.92 -13.80
CA GLU B 37 -31.91 3.48 -12.46
C GLU B 37 -31.17 2.43 -11.65
N LEU B 38 -30.21 2.86 -10.85
CA LEU B 38 -29.41 1.93 -10.06
C LEU B 38 -29.97 1.59 -8.70
N ILE B 39 -29.99 0.30 -8.40
CA ILE B 39 -30.41 -0.17 -7.09
C ILE B 39 -29.23 -0.99 -6.57
N SER B 40 -28.72 -0.61 -5.42
CA SER B 40 -27.59 -1.32 -4.82
C SER B 40 -28.07 -2.58 -4.11
N VAL B 41 -27.41 -3.69 -4.40
CA VAL B 41 -27.75 -4.93 -3.73
C VAL B 41 -26.46 -5.36 -3.03
N ASP B 42 -26.33 -4.86 -1.81
CA ASP B 42 -25.18 -5.10 -0.96
C ASP B 42 -25.52 -4.99 0.52
N SER B 43 -25.37 -6.09 1.25
CA SER B 43 -25.67 -6.12 2.68
C SER B 43 -24.94 -5.10 3.56
N ALA B 44 -23.87 -4.51 3.06
CA ALA B 44 -23.12 -3.54 3.87
C ALA B 44 -23.25 -2.09 3.38
N LEU B 45 -23.50 -1.89 2.10
CA LEU B 45 -23.64 -0.54 1.56
C LEU B 45 -24.89 0.12 2.12
N ILE B 46 -25.64 -0.66 2.88
CA ILE B 46 -26.88 -0.25 3.50
C ILE B 46 -26.63 0.70 4.66
N TYR B 47 -25.48 0.52 5.30
CA TYR B 47 -25.11 1.29 6.47
C TYR B 47 -24.58 2.70 6.32
N LYS B 48 -25.14 3.57 7.16
CA LYS B 48 -24.77 4.98 7.27
C LYS B 48 -23.46 4.99 8.07
N GLY B 49 -22.45 5.72 7.59
CA GLY B 49 -21.19 5.77 8.31
C GLY B 49 -20.16 4.73 7.89
N ASP B 51 -18.56 3.84 4.85
CA ASP B 51 -18.36 4.25 3.47
C ASP B 51 -17.09 3.79 2.77
N ILE B 52 -15.97 3.87 3.48
CA ILE B 52 -14.68 3.50 2.90
C ILE B 52 -14.38 2.00 2.83
N GLY B 53 -14.67 1.29 3.92
CA GLY B 53 -14.39 -0.13 3.96
C GLY B 53 -15.34 -0.94 3.11
N THR B 54 -16.47 -0.33 2.78
CA THR B 54 -17.50 -0.99 1.98
C THR B 54 -17.41 -0.67 0.49
N ALA B 55 -16.40 0.10 0.10
CA ALA B 55 -16.22 0.46 -1.31
C ALA B 55 -17.44 1.20 -1.85
N LYS B 56 -18.09 1.96 -0.99
CA LYS B 56 -19.26 2.71 -1.38
C LYS B 56 -18.91 3.76 -2.44
N PRO B 57 -19.80 3.98 -3.40
CA PRO B 57 -19.52 4.98 -4.44
C PRO B 57 -19.42 6.36 -3.76
N ASN B 58 -18.47 7.19 -4.20
CA ASN B 58 -18.29 8.53 -3.62
C ASN B 58 -19.43 9.46 -4.05
N ALA B 59 -19.48 10.66 -3.47
CA ALA B 59 -20.52 11.64 -3.79
C ALA B 59 -20.62 11.97 -5.27
N GLU B 60 -19.46 12.15 -5.90
CA GLU B 60 -19.39 12.49 -7.32
C GLU B 60 -20.08 11.43 -8.18
N GLU B 61 -19.67 10.18 -7.97
CA GLU B 61 -20.21 9.02 -8.68
C GLU B 61 -21.72 8.94 -8.46
N LEU B 62 -22.11 9.07 -7.20
CA LEU B 62 -23.51 9.02 -6.80
C LEU B 62 -24.28 10.17 -7.44
N LEU B 63 -23.59 11.28 -7.66
CA LEU B 63 -24.23 12.44 -8.27
C LEU B 63 -24.54 12.10 -9.72
N ALA B 64 -23.60 11.42 -10.37
CA ALA B 64 -23.78 10.99 -11.76
C ALA B 64 -24.88 9.94 -11.82
N ALA B 65 -24.71 8.87 -11.06
CA ALA B 65 -25.69 7.80 -11.03
C ALA B 65 -26.19 7.50 -9.63
N PRO B 66 -27.37 8.01 -9.27
CA PRO B 66 -27.94 7.78 -7.94
C PRO B 66 -28.21 6.29 -7.73
N HIS B 67 -27.91 5.81 -6.52
CA HIS B 67 -28.14 4.42 -6.16
C HIS B 67 -29.25 4.37 -5.13
N ARG B 68 -30.15 3.41 -5.25
CA ARG B 68 -31.18 3.28 -4.26
C ARG B 68 -30.69 2.28 -3.22
N LEU B 69 -31.29 2.33 -2.03
CA LEU B 69 -30.93 1.42 -0.94
C LEU B 69 -29.51 1.61 -0.41
N LEU B 70 -29.05 2.84 -0.37
CA LEU B 70 -27.73 3.14 0.17
C LEU B 70 -27.97 3.97 1.41
N ASP B 71 -27.22 3.74 2.47
CA ASP B 71 -27.39 4.54 3.68
C ASP B 71 -28.85 4.55 4.15
N ILE B 72 -29.44 3.36 4.29
CA ILE B 72 -30.82 3.25 4.74
C ILE B 72 -30.91 2.61 6.11
N ARG B 73 -29.76 2.32 6.69
CA ARG B 73 -29.73 1.69 8.00
C ARG B 73 -28.57 2.12 8.88
N ASP B 74 -28.83 2.17 10.17
CA ASP B 74 -27.80 2.50 11.13
C ASP B 74 -27.13 1.16 11.45
N PRO B 75 -25.80 1.14 11.59
CA PRO B 75 -25.08 -0.10 11.89
C PRO B 75 -25.62 -0.97 13.03
N SER B 76 -26.53 -0.43 13.83
CA SER B 76 -27.06 -1.20 14.94
C SER B 76 -28.30 -2.02 14.56
N GLN B 77 -28.87 -1.72 13.40
CA GLN B 77 -30.07 -2.41 12.94
C GLN B 77 -29.78 -3.38 11.81
N ALA B 78 -30.01 -4.67 12.05
CA ALA B 78 -29.76 -5.71 11.05
C ALA B 78 -30.74 -5.63 9.88
N TYR B 79 -30.30 -6.08 8.71
CA TYR B 79 -31.11 -6.07 7.50
C TYR B 79 -31.31 -7.55 7.16
N SER B 80 -32.04 -7.86 6.10
CA SER B 80 -32.25 -9.25 5.73
C SER B 80 -32.47 -9.42 4.23
N ALA B 81 -32.32 -10.65 3.74
CA ALA B 81 -32.55 -10.91 2.33
C ALA B 81 -34.00 -10.56 2.03
N ALA B 82 -34.85 -10.76 3.03
CA ALA B 82 -36.27 -10.50 2.93
C ALA B 82 -36.60 -9.00 2.88
N ASP B 83 -35.97 -8.20 3.75
CA ASP B 83 -36.23 -6.78 3.72
C ASP B 83 -35.72 -6.20 2.40
N PHE B 84 -34.57 -6.71 1.94
CA PHE B 84 -34.02 -6.27 0.67
C PHE B 84 -35.03 -6.51 -0.43
N ARG B 85 -35.50 -7.75 -0.51
CA ARG B 85 -36.48 -8.13 -1.51
C ARG B 85 -37.66 -7.16 -1.53
N ARG B 86 -38.24 -6.92 -0.36
CA ARG B 86 -39.36 -6.01 -0.22
C ARG B 86 -39.00 -4.60 -0.72
N ASP B 87 -37.89 -4.07 -0.21
CA ASP B 87 -37.43 -2.75 -0.61
C ASP B 87 -37.11 -2.69 -2.11
N ALA B 88 -36.48 -3.73 -2.61
CA ALA B 88 -36.10 -3.74 -4.01
C ALA B 88 -37.35 -3.80 -4.90
N LEU B 89 -38.23 -4.76 -4.63
CA LEU B 89 -39.44 -4.91 -5.42
C LEU B 89 -40.17 -3.58 -5.53
N ALA B 90 -40.30 -2.89 -4.40
CA ALA B 90 -40.97 -1.59 -4.38
C ALA B 90 -40.20 -0.55 -5.20
N GLU B 91 -38.88 -0.54 -5.05
CA GLU B 91 -38.04 0.40 -5.79
C GLU B 91 -38.13 0.14 -7.29
N ALA B 93 -40.71 -1.14 -8.86
CA ALA B 93 -42.04 -0.71 -9.30
C ALA B 93 -41.99 0.78 -9.63
N ASP B 94 -41.40 1.55 -8.72
CA ASP B 94 -41.29 2.98 -8.89
C ASP B 94 -40.52 3.34 -10.16
N ILE B 95 -39.42 2.62 -10.42
CA ILE B 95 -38.60 2.88 -11.60
C ILE B 95 -39.30 2.48 -12.89
N THR B 96 -40.02 1.37 -12.86
CA THR B 96 -40.74 0.88 -14.02
C THR B 96 -42.01 1.68 -14.29
N ALA B 97 -42.75 1.97 -13.22
CA ALA B 97 -43.98 2.72 -13.34
C ALA B 97 -43.73 4.15 -13.82
N ALA B 98 -42.47 4.55 -13.89
CA ALA B 98 -42.10 5.89 -14.32
C ALA B 98 -41.22 5.93 -15.58
N GLY B 99 -41.32 4.88 -16.39
CA GLY B 99 -40.57 4.84 -17.63
C GLY B 99 -39.19 4.24 -17.64
N ARG B 100 -38.72 3.71 -16.52
CA ARG B 100 -37.38 3.15 -16.56
C ARG B 100 -37.14 1.74 -16.10
N ILE B 101 -35.95 1.28 -16.46
CA ILE B 101 -35.49 -0.06 -16.18
C ILE B 101 -34.47 -0.13 -15.06
N PRO B 102 -34.79 -0.90 -13.99
CA PRO B 102 -33.87 -1.03 -12.87
C PRO B 102 -32.64 -1.89 -13.17
N LEU B 103 -31.50 -1.40 -12.73
CA LEU B 103 -30.23 -2.08 -12.90
C LEU B 103 -29.73 -2.33 -11.48
N LEU B 104 -29.94 -3.56 -11.01
CA LEU B 104 -29.53 -3.99 -9.67
C LEU B 104 -28.05 -4.34 -9.71
N VAL B 105 -27.23 -3.63 -8.94
CA VAL B 105 -25.78 -3.87 -8.90
C VAL B 105 -25.30 -4.29 -7.53
N GLY B 106 -24.40 -5.27 -7.48
CA GLY B 106 -23.89 -5.68 -6.18
C GLY B 106 -23.19 -7.02 -6.16
N GLY B 107 -22.77 -7.42 -4.96
CA GLY B 107 -22.08 -8.68 -4.77
C GLY B 107 -22.72 -9.53 -3.68
N THR B 108 -23.95 -9.21 -3.29
CA THR B 108 -24.61 -10.01 -2.27
C THR B 108 -25.60 -10.88 -3.02
N LEU B 110 -27.05 -13.82 -2.35
CA LEU B 110 -28.22 -14.36 -1.67
C LEU B 110 -29.39 -13.40 -1.86
N TYR B 111 -29.11 -12.10 -1.86
CA TYR B 111 -30.18 -11.12 -2.05
C TYR B 111 -30.73 -11.17 -3.47
N PHE B 112 -29.84 -11.22 -4.46
CA PHE B 112 -30.24 -11.30 -5.86
C PHE B 112 -31.14 -12.52 -6.01
N LYS B 113 -30.73 -13.63 -5.40
CA LYS B 113 -31.52 -14.85 -5.46
C LYS B 113 -32.88 -14.70 -4.79
N ALA B 114 -32.91 -14.21 -3.56
CA ALA B 114 -34.17 -14.02 -2.85
C ALA B 114 -35.11 -13.20 -3.73
N LEU B 115 -34.56 -12.18 -4.39
CA LEU B 115 -35.36 -11.31 -5.23
C LEU B 115 -35.86 -12.01 -6.49
N LEU B 116 -35.00 -12.80 -7.12
CA LEU B 116 -35.36 -13.50 -8.34
C LEU B 116 -36.31 -14.67 -8.13
N GLU B 117 -35.98 -15.55 -7.19
CA GLU B 117 -36.81 -16.74 -6.91
C GLU B 117 -37.82 -16.56 -5.78
N GLY B 118 -37.62 -15.56 -4.94
CA GLY B 118 -38.54 -15.32 -3.84
C GLY B 118 -38.12 -16.10 -2.61
N LEU B 119 -38.87 -15.92 -1.53
CA LEU B 119 -38.57 -16.63 -0.30
C LEU B 119 -39.85 -17.24 0.26
N SER B 120 -39.75 -18.45 0.79
CA SER B 120 -40.88 -19.13 1.40
C SER B 120 -41.24 -18.29 2.63
N PRO B 121 -42.52 -17.88 2.76
CA PRO B 121 -42.87 -17.09 3.94
C PRO B 121 -42.54 -17.80 5.26
N LEU B 122 -41.77 -17.11 6.09
CA LEU B 122 -41.33 -17.63 7.39
C LEU B 122 -41.40 -16.51 8.42
N PRO B 123 -41.45 -16.86 9.71
CA PRO B 123 -41.50 -15.77 10.68
C PRO B 123 -40.14 -15.07 10.72
N SER B 124 -40.15 -13.76 10.97
CA SER B 124 -38.91 -13.00 11.05
C SER B 124 -38.18 -13.42 12.31
N ALA B 125 -37.08 -12.76 12.61
CA ALA B 125 -36.30 -13.11 13.78
C ALA B 125 -36.90 -12.62 15.09
N ASP B 126 -36.85 -13.45 16.12
CA ASP B 126 -37.31 -12.98 17.43
C ASP B 126 -36.18 -13.16 18.41
N PRO B 127 -35.57 -12.04 18.80
CA PRO B 127 -34.45 -11.92 19.74
C PRO B 127 -34.58 -12.66 21.07
N GLU B 128 -35.57 -12.26 21.86
CA GLU B 128 -35.79 -12.86 23.16
C GLU B 128 -35.94 -14.38 23.07
N VAL B 129 -36.56 -14.86 21.99
CA VAL B 129 -36.70 -16.31 21.82
C VAL B 129 -35.44 -16.73 21.10
N ARG B 130 -34.55 -15.77 20.89
CA ARG B 130 -33.28 -16.02 20.24
C ARG B 130 -32.21 -16.07 21.33
N ALA B 131 -32.61 -15.67 22.54
CA ALA B 131 -31.71 -15.74 23.67
C ALA B 131 -31.73 -17.24 23.89
N ARG B 132 -32.79 -17.74 24.48
CA ARG B 132 -32.99 -19.16 24.75
C ARG B 132 -32.12 -20.09 23.88
N ILE B 133 -32.52 -20.33 22.64
CA ILE B 133 -31.78 -21.20 21.71
C ILE B 133 -30.29 -20.97 21.89
N GLU B 134 -29.96 -19.82 22.45
CA GLU B 134 -28.60 -19.45 22.75
C GLU B 134 -28.25 -19.91 24.16
N GLN B 135 -28.91 -19.35 25.18
CA GLN B 135 -28.57 -19.73 26.56
C GLN B 135 -28.49 -21.23 26.74
N GLN B 136 -29.32 -21.98 26.00
CA GLN B 136 -29.27 -23.44 26.10
C GLN B 136 -28.07 -23.94 25.30
N ALA B 137 -27.50 -23.05 24.50
CA ALA B 137 -26.33 -23.38 23.68
C ALA B 137 -25.05 -23.25 24.50
N ALA B 138 -25.04 -22.31 25.44
CA ALA B 138 -23.87 -22.11 26.30
C ALA B 138 -23.47 -23.48 26.85
N GLU B 139 -24.33 -24.04 27.69
CA GLU B 139 -24.12 -25.36 28.23
C GLU B 139 -24.33 -26.21 26.98
N GLN B 140 -24.21 -27.53 27.05
CA GLN B 140 -24.40 -28.33 25.83
C GLN B 140 -25.41 -27.66 24.90
N GLY B 141 -24.90 -27.01 23.84
CA GLY B 141 -25.78 -26.34 22.92
C GLY B 141 -25.92 -27.01 21.58
N TRP B 142 -25.10 -26.58 20.62
CA TRP B 142 -25.13 -27.11 19.25
C TRP B 142 -24.80 -28.61 19.23
N GLU B 143 -24.88 -29.25 20.38
CA GLU B 143 -24.58 -30.67 20.46
C GLU B 143 -25.79 -31.53 20.13
N SER B 144 -26.88 -31.37 20.89
CA SER B 144 -28.08 -32.16 20.62
C SER B 144 -29.22 -31.26 20.20
N LEU B 145 -28.90 -29.99 19.93
CA LEU B 145 -29.90 -29.04 19.47
C LEU B 145 -30.24 -29.51 18.07
N HIS B 146 -29.21 -29.99 17.37
CA HIS B 146 -29.40 -30.52 16.03
C HIS B 146 -30.48 -31.59 16.16
N ARG B 147 -30.20 -32.59 17.00
CA ARG B 147 -31.13 -33.70 17.23
C ARG B 147 -32.41 -33.20 17.89
N GLN B 148 -32.28 -32.25 18.80
CA GLN B 148 -33.46 -31.70 19.43
C GLN B 148 -34.33 -31.19 18.30
N LEU B 149 -33.70 -31.06 17.12
CA LEU B 149 -34.40 -30.63 15.93
C LEU B 149 -34.43 -31.76 14.92
N GLN B 150 -33.72 -32.85 15.21
CA GLN B 150 -33.75 -33.99 14.31
C GLN B 150 -34.97 -34.83 14.69
N GLU B 151 -35.60 -34.51 15.82
CA GLU B 151 -36.79 -35.23 16.23
C GLU B 151 -38.01 -34.50 15.66
N VAL B 152 -37.98 -33.17 15.71
CA VAL B 152 -39.06 -32.33 15.20
C VAL B 152 -39.05 -32.28 13.67
N ASP B 153 -37.87 -32.04 13.11
CA ASP B 153 -37.73 -31.94 11.65
C ASP B 153 -36.39 -32.56 11.21
N PRO B 154 -36.43 -33.82 10.72
CA PRO B 154 -35.16 -34.39 10.31
C PRO B 154 -34.76 -34.24 8.86
N VAL B 155 -35.58 -33.58 8.04
CA VAL B 155 -35.15 -33.40 6.65
C VAL B 155 -34.15 -32.25 6.76
N ALA B 156 -34.46 -31.29 7.63
CA ALA B 156 -33.60 -30.15 7.86
C ALA B 156 -32.33 -30.54 8.59
N ALA B 157 -32.48 -31.38 9.62
CA ALA B 157 -31.35 -31.84 10.42
C ALA B 157 -30.33 -32.62 9.58
N ALA B 158 -30.78 -33.16 8.45
CA ALA B 158 -29.88 -33.93 7.59
C ALA B 158 -29.10 -32.96 6.72
N ARG B 159 -29.72 -31.82 6.42
CA ARG B 159 -29.08 -30.81 5.59
C ARG B 159 -28.19 -29.91 6.46
N ILE B 160 -28.77 -29.38 7.55
CA ILE B 160 -28.03 -28.50 8.46
C ILE B 160 -27.00 -29.35 9.21
N HIS B 161 -25.75 -28.90 9.22
CA HIS B 161 -24.69 -29.62 9.92
C HIS B 161 -24.75 -29.14 11.38
N PRO B 162 -24.48 -30.05 12.34
CA PRO B 162 -24.51 -29.74 13.78
C PRO B 162 -23.56 -28.61 14.20
N ASN B 163 -22.73 -28.18 13.26
CA ASN B 163 -21.70 -27.19 13.48
C ASN B 163 -22.09 -25.79 12.99
N ASP B 164 -23.21 -25.70 12.30
CA ASP B 164 -23.71 -24.45 11.76
C ASP B 164 -24.74 -23.86 12.71
N PRO B 165 -24.27 -23.05 13.69
CA PRO B 165 -25.18 -22.44 14.66
C PRO B 165 -26.20 -21.43 14.11
N GLN B 166 -25.90 -20.79 12.99
CA GLN B 166 -26.82 -19.81 12.43
C GLN B 166 -28.05 -20.49 11.83
N ARG B 167 -27.83 -21.53 11.03
CA ARG B 167 -28.93 -22.25 10.42
C ARG B 167 -29.69 -23.08 11.44
N LEU B 168 -28.95 -23.77 12.31
CA LEU B 168 -29.54 -24.60 13.35
C LEU B 168 -30.49 -23.74 14.18
N SER B 169 -29.97 -22.66 14.74
CA SER B 169 -30.79 -21.76 15.53
C SER B 169 -32.02 -21.32 14.74
N ARG B 170 -31.81 -21.05 13.47
CA ARG B 170 -32.88 -20.60 12.60
C ARG B 170 -33.97 -21.65 12.38
N ALA B 171 -33.57 -22.89 12.17
CA ALA B 171 -34.54 -23.96 11.95
C ALA B 171 -35.36 -24.23 13.22
N LEU B 172 -34.73 -24.07 14.38
CA LEU B 172 -35.43 -24.29 15.65
C LEU B 172 -36.39 -23.12 15.88
N GLU B 173 -35.86 -21.90 15.68
CA GLU B 173 -36.64 -20.68 15.88
C GLU B 173 -37.97 -20.77 15.16
N VAL B 174 -37.92 -21.05 13.86
CA VAL B 174 -39.12 -21.18 13.05
C VAL B 174 -40.13 -22.11 13.70
N PHE B 175 -39.64 -23.20 14.27
CA PHE B 175 -40.50 -24.18 14.91
C PHE B 175 -41.07 -23.71 16.26
N PHE B 176 -40.19 -23.17 17.10
CA PHE B 176 -40.58 -22.69 18.43
C PHE B 176 -41.56 -21.51 18.36
N ILE B 177 -41.59 -20.83 17.22
CA ILE B 177 -42.45 -19.68 17.05
C ILE B 177 -43.77 -20.00 16.37
N SER B 178 -43.71 -20.86 15.36
CA SER B 178 -44.85 -21.28 14.57
C SER B 178 -45.52 -22.51 15.14
N GLY B 179 -44.70 -23.51 15.47
CA GLY B 179 -45.22 -24.76 15.96
C GLY B 179 -45.09 -25.64 14.73
N LYS B 180 -45.02 -24.98 13.57
CA LYS B 180 -44.87 -25.71 12.34
C LYS B 180 -43.40 -25.78 11.97
N THR B 181 -43.03 -26.88 11.34
CA THR B 181 -41.66 -27.18 10.95
C THR B 181 -41.07 -26.43 9.75
N LEU B 182 -39.77 -26.13 9.85
CA LEU B 182 -39.04 -25.42 8.80
C LEU B 182 -39.19 -26.11 7.43
N THR B 183 -39.14 -27.43 7.40
CA THR B 183 -39.30 -28.22 6.17
C THR B 183 -40.71 -28.04 5.61
N GLU B 184 -41.65 -27.86 6.54
CA GLU B 184 -43.06 -27.70 6.21
C GLU B 184 -43.38 -26.37 5.56
N LEU B 185 -42.92 -25.29 6.20
CA LEU B 185 -43.16 -23.95 5.71
C LEU B 185 -42.52 -23.78 4.33
N THR B 186 -41.34 -24.34 4.16
CA THR B 186 -40.61 -24.23 2.89
C THR B 186 -41.23 -24.97 1.70
N GLN B 187 -42.37 -25.62 1.94
CA GLN B 187 -43.07 -26.36 0.89
C GLN B 187 -43.75 -25.32 0.01
N THR B 188 -44.16 -24.25 0.66
CA THR B 188 -44.84 -23.14 0.01
C THR B 188 -43.68 -22.28 -0.49
N SER B 189 -43.63 -22.00 -1.78
CA SER B 189 -42.54 -21.18 -2.28
C SER B 189 -42.90 -19.71 -2.29
N GLY B 190 -41.91 -18.88 -2.62
CA GLY B 190 -42.13 -17.44 -2.63
C GLY B 190 -42.52 -16.97 -4.01
N ASP B 191 -42.97 -15.73 -4.11
CA ASP B 191 -43.38 -15.15 -5.37
C ASP B 191 -42.15 -14.79 -6.19
N ALA B 192 -42.04 -15.35 -7.38
CA ALA B 192 -40.91 -15.08 -8.26
C ALA B 192 -40.92 -13.64 -8.74
N LEU B 193 -39.78 -13.19 -9.25
CA LEU B 193 -39.64 -11.83 -9.75
C LEU B 193 -40.43 -11.71 -11.07
N PRO B 194 -41.54 -10.95 -11.05
CA PRO B 194 -42.34 -10.78 -12.25
C PRO B 194 -41.70 -9.82 -13.28
N TYR B 195 -40.44 -10.07 -13.59
CA TYR B 195 -39.72 -9.25 -14.55
C TYR B 195 -38.98 -10.14 -15.51
N GLN B 196 -38.50 -9.53 -16.59
CA GLN B 196 -37.71 -10.20 -17.63
C GLN B 196 -36.30 -9.72 -17.27
N VAL B 197 -35.45 -10.62 -16.78
CA VAL B 197 -34.12 -10.22 -16.36
C VAL B 197 -32.93 -10.69 -17.18
N HIS B 198 -32.00 -9.77 -17.41
CA HIS B 198 -30.76 -10.04 -18.13
C HIS B 198 -29.68 -10.09 -17.06
N GLN B 199 -29.16 -11.28 -16.78
CA GLN B 199 -28.15 -11.43 -15.74
C GLN B 199 -26.71 -11.43 -16.24
N PHE B 200 -25.92 -10.53 -15.68
CA PHE B 200 -24.52 -10.40 -16.05
C PHE B 200 -23.67 -10.59 -14.81
N ALA B 201 -22.46 -11.08 -15.00
CA ALA B 201 -21.52 -11.28 -13.90
C ALA B 201 -20.20 -10.80 -14.44
N ILE B 202 -19.49 -10.02 -13.65
CA ILE B 202 -18.22 -9.51 -14.10
C ILE B 202 -17.14 -9.82 -13.09
N ALA B 203 -16.01 -10.30 -13.59
CA ALA B 203 -14.90 -10.65 -12.73
C ALA B 203 -13.58 -10.59 -13.51
N PRO B 204 -12.47 -10.43 -12.80
CA PRO B 204 -11.18 -10.38 -13.49
C PRO B 204 -10.88 -11.77 -14.07
N ALA B 205 -10.09 -11.79 -15.14
CA ALA B 205 -9.73 -13.03 -15.84
C ALA B 205 -9.06 -14.15 -15.05
N SER B 206 -8.33 -13.81 -14.00
CA SER B 206 -7.67 -14.86 -13.22
C SER B 206 -7.79 -14.58 -11.74
N ARG B 207 -7.84 -15.65 -10.95
CA ARG B 207 -7.97 -15.53 -9.51
C ARG B 207 -6.85 -14.68 -8.90
N GLU B 208 -5.67 -14.77 -9.47
CA GLU B 208 -4.51 -14.02 -8.99
C GLU B 208 -4.57 -12.51 -9.22
N LEU B 209 -5.21 -12.10 -10.30
CA LEU B 209 -5.34 -10.67 -10.58
C LEU B 209 -6.36 -10.11 -9.58
N LEU B 210 -7.33 -10.94 -9.19
CA LEU B 210 -8.35 -10.55 -8.23
C LEU B 210 -7.67 -10.31 -6.88
N HIS B 211 -6.81 -11.23 -6.48
CA HIS B 211 -6.08 -11.13 -5.22
C HIS B 211 -5.26 -9.84 -5.15
N GLN B 212 -4.59 -9.49 -6.25
CA GLN B 212 -3.78 -8.29 -6.29
C GLN B 212 -4.66 -7.05 -6.13
N ARG B 213 -5.78 -7.01 -6.84
CA ARG B 213 -6.68 -5.88 -6.74
C ARG B 213 -7.26 -5.81 -5.31
N ILE B 214 -7.56 -6.95 -4.71
CA ILE B 214 -8.11 -6.96 -3.36
C ILE B 214 -7.12 -6.32 -2.38
N GLU B 215 -5.85 -6.72 -2.49
CA GLU B 215 -4.80 -6.22 -1.62
C GLU B 215 -4.52 -4.72 -1.79
N GLN B 216 -4.38 -4.28 -3.03
CA GLN B 216 -4.11 -2.86 -3.29
C GLN B 216 -5.26 -1.98 -2.83
N ARG B 217 -6.46 -2.49 -2.95
CA ARG B 217 -7.64 -1.74 -2.54
C ARG B 217 -7.69 -1.60 -1.03
N PHE B 218 -7.39 -2.68 -0.34
CA PHE B 218 -7.42 -2.67 1.11
C PHE B 218 -6.47 -1.57 1.60
N HIS B 219 -5.30 -1.48 0.96
CA HIS B 219 -4.33 -0.46 1.34
C HIS B 219 -4.78 0.93 0.94
N GLN B 220 -5.56 1.05 -0.13
CA GLN B 220 -6.05 2.36 -0.53
C GLN B 220 -7.03 2.81 0.54
N LEU B 222 -7.05 1.94 3.83
CA LEU B 222 -6.30 2.36 5.01
C LEU B 222 -5.74 3.76 4.80
N ALA B 223 -5.34 4.05 3.57
CA ALA B 223 -4.77 5.35 3.24
C ALA B 223 -5.82 6.44 3.06
N SER B 224 -7.09 6.05 3.02
CA SER B 224 -8.16 7.01 2.84
C SER B 224 -8.87 7.33 4.15
N GLY B 225 -8.39 6.75 5.25
CA GLY B 225 -8.99 7.03 6.54
C GLY B 225 -9.90 5.95 7.09
N PHE B 226 -9.71 4.73 6.63
CA PHE B 226 -10.53 3.62 7.09
C PHE B 226 -10.52 3.49 8.62
N GLU B 227 -9.33 3.50 9.20
CA GLU B 227 -9.15 3.39 10.64
C GLU B 227 -10.00 4.42 11.39
N ALA B 228 -9.95 5.67 10.94
CA ALA B 228 -10.70 6.73 11.58
C ALA B 228 -12.20 6.41 11.53
N GLU B 229 -12.66 5.94 10.39
CA GLU B 229 -14.07 5.60 10.20
C GLU B 229 -14.51 4.53 11.19
N VAL B 230 -13.72 3.46 11.33
CA VAL B 230 -14.10 2.41 12.27
C VAL B 230 -14.04 2.87 13.74
N ARG B 231 -13.13 3.80 14.03
CA ARG B 231 -13.01 4.32 15.39
C ARG B 231 -14.27 5.05 15.80
N ALA B 232 -14.77 5.88 14.89
CA ALA B 232 -15.98 6.65 15.16
C ALA B 232 -17.10 5.70 15.57
N LEU B 233 -17.12 4.52 14.97
CA LEU B 233 -18.12 3.50 15.27
C LEU B 233 -17.80 2.78 16.58
N PHE B 234 -16.51 2.60 16.85
CA PHE B 234 -16.07 1.93 18.07
C PHE B 234 -16.46 2.80 19.25
N ALA B 235 -16.23 4.11 19.11
CA ALA B 235 -16.51 5.08 20.14
C ALA B 235 -17.98 5.21 20.55
N ARG B 236 -18.85 4.46 19.92
CA ARG B 236 -20.27 4.57 20.26
C ARG B 236 -20.74 3.53 21.28
N GLY B 237 -19.79 2.83 21.89
CA GLY B 237 -20.12 1.81 22.88
C GLY B 237 -21.31 0.89 22.65
N ASP B 238 -22.16 1.25 21.70
CA ASP B 238 -23.37 0.45 21.43
C ASP B 238 -23.22 -0.55 20.30
N LEU B 239 -22.07 -0.54 19.63
CA LEU B 239 -21.81 -1.46 18.53
C LEU B 239 -20.97 -2.62 19.05
N HIS B 240 -21.32 -3.83 18.65
CA HIS B 240 -20.58 -5.01 19.11
C HIS B 240 -20.28 -6.03 18.01
N THR B 241 -19.46 -7.02 18.38
CA THR B 241 -19.04 -8.06 17.47
C THR B 241 -20.12 -8.99 16.91
N ASP B 242 -21.33 -8.93 17.45
CA ASP B 242 -22.37 -9.81 16.96
C ASP B 242 -23.21 -9.19 15.85
N LEU B 243 -23.06 -7.89 15.65
CA LEU B 243 -23.83 -7.20 14.61
C LEU B 243 -23.32 -7.53 13.21
N PRO B 244 -24.22 -7.92 12.30
CA PRO B 244 -23.78 -8.24 10.93
C PRO B 244 -22.94 -7.06 10.46
N SER B 245 -23.33 -5.88 10.96
CA SER B 245 -22.68 -4.62 10.65
C SER B 245 -21.18 -4.62 10.89
N ILE B 246 -20.81 -5.00 12.11
CA ILE B 246 -19.43 -5.04 12.53
C ILE B 246 -18.68 -6.26 12.01
N ARG B 247 -19.41 -7.25 11.50
CA ARG B 247 -18.78 -8.47 10.99
C ARG B 247 -18.41 -8.36 9.53
N CYS B 248 -18.62 -7.20 8.93
CA CYS B 248 -18.26 -7.01 7.55
C CYS B 248 -16.73 -7.05 7.44
N VAL B 249 -16.24 -7.55 6.31
CA VAL B 249 -14.80 -7.65 6.11
C VAL B 249 -14.11 -6.29 6.24
N GLY B 250 -12.97 -6.30 6.91
CA GLY B 250 -12.24 -5.09 7.15
C GLY B 250 -12.61 -4.56 8.51
N TYR B 251 -13.91 -4.30 8.69
CA TYR B 251 -14.45 -3.81 9.95
C TYR B 251 -14.24 -4.75 11.11
N ARG B 252 -14.47 -6.04 10.88
CA ARG B 252 -14.30 -7.02 11.93
C ARG B 252 -12.88 -7.03 12.44
N GLN B 253 -11.92 -7.02 11.52
CA GLN B 253 -10.52 -7.05 11.90
C GLN B 253 -10.13 -5.74 12.59
N TRP B 255 -11.87 -3.91 14.23
CA TRP B 255 -12.51 -3.92 15.55
C TRP B 255 -11.58 -4.64 16.52
N SER B 256 -11.11 -5.79 16.10
CA SER B 256 -10.20 -6.59 16.90
C SER B 256 -8.93 -5.79 17.17
N TYR B 257 -8.56 -4.93 16.25
CA TYR B 257 -7.36 -4.13 16.41
C TYR B 257 -7.59 -3.02 17.43
N LEU B 258 -8.74 -2.35 17.35
CA LEU B 258 -9.07 -1.28 18.27
C LEU B 258 -9.26 -1.82 19.68
N GLU B 259 -9.71 -3.06 19.78
CA GLU B 259 -9.94 -3.70 21.07
C GLU B 259 -8.61 -4.14 21.70
N GLY B 260 -7.53 -3.93 20.96
CA GLY B 260 -6.20 -4.30 21.45
C GLY B 260 -5.91 -5.79 21.43
N GLU B 261 -6.68 -6.54 20.64
CA GLU B 261 -6.48 -7.98 20.54
C GLU B 261 -5.44 -8.36 19.49
N ILE B 262 -5.27 -7.48 18.53
CA ILE B 262 -4.39 -7.73 17.42
C ILE B 262 -3.54 -6.49 17.05
N SER B 263 -2.38 -6.72 16.44
CA SER B 263 -1.49 -5.62 16.02
C SER B 263 -2.00 -5.07 14.69
N TYR B 264 -1.47 -3.93 14.27
CA TYR B 264 -1.88 -3.32 13.00
C TYR B 264 -1.47 -4.20 11.82
N ASP B 265 -0.23 -4.68 11.84
CA ASP B 265 0.26 -5.52 10.75
C ASP B 265 -0.60 -6.78 10.61
N GLU B 266 -1.09 -7.28 11.74
CA GLU B 266 -1.93 -8.48 11.75
C GLU B 266 -3.34 -8.23 11.24
N VAL B 268 -4.21 -6.02 9.03
CA VAL B 268 -4.17 -5.84 7.59
C VAL B 268 -4.05 -7.21 6.91
N TYR B 269 -3.34 -8.12 7.55
CA TYR B 269 -3.17 -9.46 7.00
C TYR B 269 -4.50 -10.18 6.96
N ARG B 270 -5.23 -10.14 8.07
CA ARG B 270 -6.50 -10.82 8.12
C ARG B 270 -7.63 -10.16 7.36
N GLY B 271 -7.57 -8.84 7.22
CA GLY B 271 -8.59 -8.13 6.47
C GLY B 271 -8.48 -8.56 5.02
N VAL B 272 -7.26 -8.53 4.50
CA VAL B 272 -6.99 -8.95 3.13
C VAL B 272 -7.43 -10.41 2.89
N CYS B 273 -7.01 -11.31 3.78
CA CYS B 273 -7.38 -12.72 3.64
C CYS B 273 -8.89 -12.85 3.67
N ALA B 274 -9.52 -12.15 4.61
CA ALA B 274 -10.96 -12.17 4.75
C ALA B 274 -11.64 -11.67 3.47
N THR B 275 -11.06 -10.66 2.83
CA THR B 275 -11.66 -10.15 1.61
C THR B 275 -11.50 -11.15 0.47
N ARG B 276 -10.40 -11.89 0.46
CA ARG B 276 -10.18 -12.88 -0.61
C ARG B 276 -11.14 -14.05 -0.41
N GLN B 277 -11.29 -14.50 0.83
CA GLN B 277 -12.21 -15.60 1.10
C GLN B 277 -13.64 -15.22 0.74
N LEU B 278 -13.95 -13.94 0.89
CA LEU B 278 -15.25 -13.39 0.55
C LEU B 278 -15.43 -13.51 -0.97
N ALA B 279 -14.45 -12.99 -1.70
CA ALA B 279 -14.47 -13.01 -3.16
C ALA B 279 -14.62 -14.45 -3.67
N LYS B 280 -13.87 -15.37 -3.08
CA LYS B 280 -13.95 -16.76 -3.51
C LYS B 280 -15.37 -17.33 -3.42
N ARG B 281 -16.09 -16.97 -2.37
CA ARG B 281 -17.46 -17.47 -2.20
C ARG B 281 -18.43 -16.80 -3.15
N GLN B 282 -18.18 -15.54 -3.48
CA GLN B 282 -19.04 -14.84 -4.41
C GLN B 282 -18.91 -15.53 -5.76
N ILE B 283 -17.71 -15.97 -6.09
CA ILE B 283 -17.48 -16.68 -7.33
C ILE B 283 -18.16 -18.04 -7.30
N THR B 284 -18.19 -18.65 -6.12
CA THR B 284 -18.84 -19.94 -5.98
C THR B 284 -20.32 -19.77 -6.32
N TRP B 285 -20.90 -18.65 -5.88
CA TRP B 285 -22.29 -18.34 -6.15
C TRP B 285 -22.56 -18.20 -7.64
N LEU B 286 -21.79 -17.35 -8.29
CA LEU B 286 -21.99 -17.13 -9.70
C LEU B 286 -21.73 -18.34 -10.57
N ARG B 287 -20.87 -19.25 -10.13
CA ARG B 287 -20.64 -20.45 -10.92
C ARG B 287 -21.90 -21.29 -10.86
N GLY B 288 -22.44 -21.60 -12.04
CA GLY B 288 -23.67 -22.36 -12.11
C GLY B 288 -24.89 -21.48 -12.02
N TRP B 289 -24.71 -20.20 -11.68
CA TRP B 289 -25.84 -19.30 -11.62
C TRP B 289 -26.42 -19.43 -13.01
N GLU B 290 -27.72 -19.69 -13.10
CA GLU B 290 -28.38 -19.88 -14.39
C GLU B 290 -28.64 -18.61 -15.19
N GLY B 291 -28.31 -18.69 -16.48
CA GLY B 291 -28.53 -17.60 -17.40
C GLY B 291 -27.60 -16.41 -17.31
N VAL B 292 -26.46 -16.60 -16.67
CA VAL B 292 -25.53 -15.49 -16.52
C VAL B 292 -24.59 -15.30 -17.70
N HIS B 293 -24.33 -14.03 -18.01
CA HIS B 293 -23.41 -13.67 -19.08
C HIS B 293 -22.15 -13.17 -18.40
N TRP B 294 -21.00 -13.74 -18.74
CA TRP B 294 -19.76 -13.30 -18.12
C TRP B 294 -19.12 -12.15 -18.86
N LEU B 295 -18.57 -11.24 -18.08
CA LEU B 295 -17.91 -10.05 -18.59
C LEU B 295 -16.54 -10.03 -17.94
N ASP B 296 -15.61 -9.29 -18.53
CA ASP B 296 -14.26 -9.20 -18.00
C ASP B 296 -14.01 -7.84 -17.31
N SER B 297 -13.49 -7.90 -16.08
CA SER B 297 -13.22 -6.69 -15.32
C SER B 297 -12.24 -5.76 -16.03
N GLU B 298 -11.13 -6.29 -16.50
CA GLU B 298 -10.13 -5.46 -17.18
C GLU B 298 -10.42 -5.13 -18.64
N LYS B 299 -11.64 -5.44 -19.08
CA LYS B 299 -12.09 -5.17 -20.45
C LYS B 299 -13.41 -4.41 -20.29
N PRO B 300 -13.42 -3.38 -19.46
CA PRO B 300 -14.55 -2.50 -19.11
C PRO B 300 -15.32 -1.87 -20.26
N GLU B 301 -14.87 -2.11 -21.49
CA GLU B 301 -15.51 -1.52 -22.65
C GLU B 301 -16.31 -2.54 -23.46
N GLN B 302 -15.74 -3.72 -23.67
CA GLN B 302 -16.45 -4.76 -24.40
C GLN B 302 -17.54 -5.22 -23.45
N ALA B 303 -17.20 -5.17 -22.17
CA ALA B 303 -18.10 -5.56 -21.10
C ALA B 303 -19.38 -4.78 -21.28
N ARG B 304 -19.23 -3.48 -21.48
CA ARG B 304 -20.37 -2.60 -21.68
C ARG B 304 -21.04 -2.87 -23.03
N ASP B 305 -20.24 -2.90 -24.09
CA ASP B 305 -20.76 -3.15 -25.42
C ASP B 305 -21.48 -4.50 -25.45
N GLU B 306 -21.00 -5.44 -24.65
CA GLU B 306 -21.62 -6.75 -24.59
C GLU B 306 -22.94 -6.72 -23.86
N VAL B 307 -23.06 -5.84 -22.86
CA VAL B 307 -24.32 -5.71 -22.11
C VAL B 307 -25.32 -5.03 -23.02
N LEU B 308 -24.83 -4.08 -23.81
CA LEU B 308 -25.69 -3.36 -24.73
C LEU B 308 -26.30 -4.30 -25.77
N GLN B 309 -25.61 -5.41 -26.03
CA GLN B 309 -26.11 -6.36 -27.01
C GLN B 309 -26.84 -7.53 -26.39
N VAL B 310 -27.65 -7.23 -25.38
CA VAL B 310 -28.48 -8.18 -24.70
C VAL B 310 -29.61 -7.22 -24.36
N VAL B 311 -29.25 -5.95 -24.51
CA VAL B 311 -30.12 -4.79 -24.31
C VAL B 311 -31.40 -5.03 -23.50
#